data_3GDZ
#
_entry.id   3GDZ
#
_cell.length_a   70.351
_cell.length_b   41.966
_cell.length_c   71.464
_cell.angle_alpha   90.00
_cell.angle_beta   91.11
_cell.angle_gamma   90.00
#
_symmetry.space_group_name_H-M   'P 1 21 1'
#
loop_
_entity.id
_entity.type
_entity.pdbx_description
1 polymer 'Arginyl-tRNA synthetase'
2 non-polymer 1,2-ETHANEDIOL
3 water water
#
_entity_poly.entity_id   1
_entity_poly.type   'polypeptide(L)'
_entity_poly.pdbx_seq_one_letter_code
;SNA(MSE)NIQALLSEKVSQALIAAGAPADCEPQVRQSAKVQFGDYQANGV(MSE)AVAKKLG(MSE)APRQLAEQVLSH
LDLNGIANKVEIAGPGFINIFLDPAFLADNVNRALQSERLG
;
_entity_poly.pdbx_strand_id   A,B,C,D
#
loop_
_chem_comp.id
_chem_comp.type
_chem_comp.name
_chem_comp.formula
EDO non-polymer 1,2-ETHANEDIOL 'C2 H6 O2'
#
# COMPACT_ATOMS: atom_id res chain seq x y z
N SER A 1 -23.44 -9.78 27.94
CA SER A 1 -23.65 -10.25 26.52
C SER A 1 -24.56 -9.29 25.74
N ASN A 2 -24.52 -8.03 26.13
CA ASN A 2 -25.38 -7.01 25.55
C ASN A 2 -24.59 -6.19 24.48
N ALA A 3 -25.26 -5.77 23.41
CA ALA A 3 -24.60 -5.08 22.29
C ALA A 3 -24.21 -3.67 22.71
N MSE A 4 -23.24 -3.11 21.97
N MSE A 4 -23.24 -3.08 22.03
CA MSE A 4 -22.85 -1.70 22.11
CA MSE A 4 -23.06 -1.65 22.27
C MSE A 4 -23.49 -0.82 21.04
C MSE A 4 -23.38 -0.80 21.05
O MSE A 4 -23.95 -1.32 20.00
O MSE A 4 -23.57 -1.32 19.94
CB MSE A 4 -21.32 -1.56 21.99
CB MSE A 4 -21.70 -1.32 22.91
CG MSE A 4 -20.54 -2.56 22.80
CG MSE A 4 -20.60 -2.22 22.53
SE MSE A 4 -20.64 -2.07 24.66
SE MSE A 4 -20.57 -2.17 20.62
CE MSE A 4 -19.89 -3.66 25.55
CE MSE A 4 -20.19 -0.30 20.44
N ASN A 5 -23.53 0.49 21.29
CA ASN A 5 -23.80 1.47 20.25
C ASN A 5 -22.42 1.83 19.68
N ILE A 6 -22.15 1.46 18.43
CA ILE A 6 -20.79 1.54 17.87
C ILE A 6 -20.34 2.99 17.75
N GLN A 7 -21.23 3.86 17.30
CA GLN A 7 -20.89 5.24 17.09
C GLN A 7 -20.56 5.92 18.42
N ALA A 8 -21.37 5.66 19.44
CA ALA A 8 -21.12 6.17 20.79
C ALA A 8 -19.82 5.62 21.42
N LEU A 9 -19.55 4.34 21.21
CA LEU A 9 -18.28 3.73 21.66
C LEU A 9 -17.06 4.41 21.00
N LEU A 10 -17.10 4.52 19.68
CA LEU A 10 -16.02 5.19 18.94
C LEU A 10 -15.85 6.64 19.42
N SER A 11 -16.97 7.35 19.58
N SER A 11 -16.99 7.30 19.64
CA SER A 11 -16.94 8.70 20.14
CA SER A 11 -16.99 8.65 20.17
C SER A 11 -16.22 8.72 21.50
C SER A 11 -16.33 8.74 21.57
N GLU A 12 -16.64 7.87 22.42
N GLU A 12 -16.62 7.80 22.47
CA GLU A 12 -16.02 7.80 23.73
CA GLU A 12 -15.95 7.83 23.76
C GLU A 12 -14.50 7.60 23.62
C GLU A 12 -14.45 7.65 23.59
N LYS A 13 -14.07 6.65 22.80
CA LYS A 13 -12.65 6.30 22.66
C LYS A 13 -11.83 7.36 21.94
N VAL A 14 -12.41 7.98 20.92
CA VAL A 14 -11.70 9.06 20.25
C VAL A 14 -11.58 10.25 21.18
N SER A 15 -12.65 10.49 21.94
CA SER A 15 -12.68 11.56 22.93
C SER A 15 -11.57 11.42 23.98
N GLN A 16 -11.45 10.24 24.57
CA GLN A 16 -10.38 9.90 25.50
C GLN A 16 -8.97 10.08 24.90
N ALA A 17 -8.77 9.62 23.66
CA ALA A 17 -7.47 9.72 23.01
C ALA A 17 -7.15 11.20 22.73
N LEU A 18 -8.17 11.98 22.40
CA LEU A 18 -7.97 13.41 22.23
C LEU A 18 -7.57 14.06 23.55
N ILE A 19 -8.20 13.65 24.64
CA ILE A 19 -7.94 14.22 25.98
C ILE A 19 -6.52 13.85 26.42
N ALA A 20 -6.11 12.60 26.17
CA ALA A 20 -4.74 12.16 26.47
C ALA A 20 -3.71 13.02 25.69
N ALA A 21 -4.06 13.37 24.44
CA ALA A 21 -3.20 14.23 23.61
C ALA A 21 -3.30 15.73 24.00
N GLY A 22 -4.10 16.08 25.00
CA GLY A 22 -4.18 17.47 25.43
C GLY A 22 -5.50 18.21 25.24
N ALA A 23 -6.51 17.56 24.68
CA ALA A 23 -7.82 18.19 24.49
C ALA A 23 -8.54 18.45 25.82
N PRO A 24 -9.36 19.54 25.87
CA PRO A 24 -10.27 19.85 26.99
C PRO A 24 -11.16 18.66 27.26
N ALA A 25 -11.61 18.50 28.49
CA ALA A 25 -12.39 17.30 28.83
C ALA A 25 -13.73 17.18 28.08
N ASP A 26 -14.30 18.31 27.66
CA ASP A 26 -15.61 18.30 26.98
C ASP A 26 -15.44 18.44 25.48
N CYS A 27 -14.31 17.94 24.94
CA CYS A 27 -14.04 18.08 23.50
C CYS A 27 -14.99 17.16 22.71
N GLU A 28 -15.32 17.56 21.48
N GLU A 28 -15.26 17.54 21.46
CA GLU A 28 -16.21 16.74 20.67
CA GLU A 28 -16.19 16.79 20.63
C GLU A 28 -15.47 16.12 19.49
C GLU A 28 -15.47 16.12 19.47
N PRO A 29 -15.36 14.78 19.51
CA PRO A 29 -14.70 13.99 18.45
C PRO A 29 -15.40 14.09 17.09
N GLN A 30 -16.70 14.41 17.08
CA GLN A 30 -17.48 14.53 15.84
C GLN A 30 -17.42 13.24 15.00
N VAL A 31 -17.74 12.11 15.64
CA VAL A 31 -17.84 10.86 14.93
C VAL A 31 -19.15 10.80 14.17
N ARG A 32 -19.05 10.59 12.85
N ARG A 32 -19.05 10.55 12.86
CA ARG A 32 -20.22 10.43 11.98
CA ARG A 32 -20.23 10.35 12.02
C ARG A 32 -19.99 9.24 11.06
C ARG A 32 -19.99 9.19 11.08
N GLN A 33 -21.06 8.71 10.47
CA GLN A 33 -20.94 7.67 9.46
C GLN A 33 -20.10 8.26 8.34
N SER A 34 -19.12 7.52 7.88
N SER A 34 -19.11 7.52 7.88
CA SER A 34 -18.20 7.97 6.82
CA SER A 34 -18.20 7.98 6.81
C SER A 34 -18.96 8.48 5.60
C SER A 34 -18.95 8.49 5.60
N ALA A 35 -18.39 9.51 4.96
CA ALA A 35 -19.02 10.17 3.82
C ALA A 35 -18.96 9.28 2.59
N LYS A 36 -17.86 8.54 2.44
CA LYS A 36 -17.67 7.64 1.28
C LYS A 36 -17.08 6.33 1.76
N VAL A 37 -17.39 5.25 1.03
CA VAL A 37 -16.93 3.90 1.38
C VAL A 37 -15.42 3.82 1.51
N GLN A 38 -14.68 4.56 0.68
CA GLN A 38 -13.20 4.62 0.81
C GLN A 38 -12.67 5.28 2.10
N PHE A 39 -13.55 6.00 2.82
CA PHE A 39 -13.17 6.56 4.12
C PHE A 39 -13.63 5.71 5.34
N GLY A 40 -13.85 4.41 5.11
CA GLY A 40 -14.22 3.48 6.18
C GLY A 40 -15.70 3.47 6.55
N ASP A 41 -15.99 3.07 7.78
CA ASP A 41 -17.36 3.08 8.27
C ASP A 41 -17.72 4.34 9.04
N TYR A 42 -16.79 4.84 9.83
CA TYR A 42 -17.01 6.07 10.57
C TYR A 42 -15.83 6.98 10.41
N GLN A 43 -16.09 8.27 10.49
CA GLN A 43 -14.99 9.25 10.54
C GLN A 43 -15.11 10.03 11.82
N ALA A 44 -13.98 10.28 12.46
CA ALA A 44 -13.90 11.26 13.52
C ALA A 44 -13.36 12.59 12.93
N ASN A 45 -14.20 13.63 12.93
CA ASN A 45 -13.92 14.87 12.21
C ASN A 45 -13.58 16.07 13.10
N GLY A 46 -13.41 15.82 14.40
CA GLY A 46 -13.21 16.88 15.38
C GLY A 46 -11.77 17.30 15.73
N VAL A 47 -10.78 16.72 15.05
CA VAL A 47 -9.38 17.00 15.40
C VAL A 47 -9.01 18.42 15.06
N MSE A 48 -9.46 18.91 13.92
N MSE A 48 -9.49 18.89 13.92
CA MSE A 48 -9.07 20.24 13.45
CA MSE A 48 -9.17 20.21 13.40
C MSE A 48 -9.49 21.38 14.38
C MSE A 48 -9.48 21.33 14.39
O MSE A 48 -8.70 22.31 14.61
O MSE A 48 -8.64 22.20 14.65
CB MSE A 48 -9.58 20.49 12.02
CB MSE A 48 -9.94 20.44 12.09
CG MSE A 48 -8.88 19.65 10.96
CG MSE A 48 -9.20 21.27 11.08
SE MSE A 48 -9.64 17.85 10.86
SE MSE A 48 -10.31 21.56 9.50
CE MSE A 48 -11.37 18.41 10.18
CE MSE A 48 -10.87 23.39 9.82
N ALA A 49 -10.70 21.29 14.96
CA ALA A 49 -11.14 22.30 15.93
C ALA A 49 -10.26 22.26 17.19
N VAL A 50 -9.98 21.06 17.68
CA VAL A 50 -9.11 20.89 18.86
C VAL A 50 -7.72 21.45 18.60
N ALA A 51 -7.14 21.08 17.45
CA ALA A 51 -5.78 21.50 17.08
C ALA A 51 -5.62 23.04 17.07
N LYS A 52 -6.62 23.70 16.50
CA LYS A 52 -6.67 25.16 16.47
C LYS A 52 -6.69 25.75 17.87
N LYS A 53 -7.63 25.32 18.71
N LYS A 53 -7.64 25.32 18.71
CA LYS A 53 -7.70 25.79 20.10
CA LYS A 53 -7.72 25.77 20.10
C LYS A 53 -6.36 25.58 20.81
C LYS A 53 -6.41 25.54 20.85
N LEU A 54 -5.71 24.45 20.50
CA LEU A 54 -4.41 24.10 21.09
C LEU A 54 -3.24 24.71 20.32
N GLY A 55 -3.53 25.46 19.27
CA GLY A 55 -2.51 26.10 18.46
C GLY A 55 -1.46 25.12 17.95
N MSE A 56 -1.90 24.11 17.22
CA MSE A 56 -0.97 23.18 16.57
C MSE A 56 -1.52 22.65 15.25
O MSE A 56 -2.72 22.75 14.98
CB MSE A 56 -0.60 22.01 17.50
CG MSE A 56 -1.79 21.13 17.90
SE MSE A 56 -1.35 19.72 19.20
CE MSE A 56 -0.15 18.66 18.07
N ALA A 57 -0.63 22.09 14.44
CA ALA A 57 -0.99 21.49 13.17
C ALA A 57 -1.94 20.30 13.38
N PRO A 58 -3.07 20.27 12.66
CA PRO A 58 -4.04 19.19 12.83
C PRO A 58 -3.56 17.76 12.46
N ARG A 59 -2.64 17.60 11.51
CA ARG A 59 -2.16 16.25 11.18
C ARG A 59 -1.22 15.74 12.25
N GLN A 60 -0.56 16.68 12.92
CA GLN A 60 0.33 16.40 14.03
C GLN A 60 -0.48 15.90 15.22
N LEU A 61 -1.55 16.62 15.58
CA LEU A 61 -2.51 16.17 16.58
C LEU A 61 -3.15 14.81 16.23
N ALA A 62 -3.63 14.65 15.00
CA ALA A 62 -4.24 13.39 14.60
C ALA A 62 -3.33 12.18 14.89
N GLU A 63 -2.06 12.27 14.46
CA GLU A 63 -1.04 11.26 14.76
C GLU A 63 -0.87 11.02 16.26
N GLN A 64 -0.95 12.09 17.05
N GLN A 64 -0.93 12.09 17.06
CA GLN A 64 -0.88 11.95 18.51
CA GLN A 64 -0.88 11.95 18.51
C GLN A 64 -2.08 11.20 19.07
C GLN A 64 -2.08 11.20 19.07
N VAL A 65 -3.27 11.47 18.56
CA VAL A 65 -4.50 10.81 18.99
C VAL A 65 -4.42 9.28 18.72
N LEU A 66 -3.92 8.93 17.54
CA LEU A 66 -3.72 7.55 17.13
C LEU A 66 -2.79 6.77 18.07
N SER A 67 -1.76 7.45 18.58
CA SER A 67 -0.83 6.80 19.52
C SER A 67 -1.52 6.44 20.85
N HIS A 68 -2.61 7.12 21.15
CA HIS A 68 -3.41 6.87 22.37
C HIS A 68 -4.65 6.00 22.13
N LEU A 69 -5.02 5.81 20.88
CA LEU A 69 -6.27 5.16 20.53
C LEU A 69 -6.01 3.67 20.27
N ASP A 70 -6.70 2.80 20.99
CA ASP A 70 -6.54 1.36 20.81
C ASP A 70 -7.84 0.73 20.33
N LEU A 71 -7.99 0.52 19.03
CA LEU A 71 -9.19 -0.12 18.49
C LEU A 71 -9.00 -1.57 18.03
N ASN A 72 -7.95 -2.24 18.52
CA ASN A 72 -7.79 -3.70 18.30
C ASN A 72 -9.05 -4.44 18.70
N GLY A 73 -9.46 -5.37 17.86
CA GLY A 73 -10.71 -6.09 18.10
C GLY A 73 -11.95 -5.42 17.51
N ILE A 74 -11.84 -4.13 17.21
CA ILE A 74 -13.00 -3.30 16.87
C ILE A 74 -12.86 -2.77 15.44
N ALA A 75 -11.73 -2.12 15.16
CA ALA A 75 -11.40 -1.63 13.82
C ALA A 75 -10.23 -2.41 13.22
N ASN A 76 -10.38 -2.86 11.97
CA ASN A 76 -9.28 -3.50 11.23
C ASN A 76 -8.20 -2.48 10.83
N LYS A 77 -8.62 -1.24 10.62
CA LYS A 77 -7.73 -0.20 10.14
C LYS A 77 -8.20 1.21 10.59
N VAL A 78 -7.24 2.01 11.05
CA VAL A 78 -7.49 3.39 11.46
C VAL A 78 -6.49 4.29 10.70
N GLU A 79 -7.01 5.15 9.82
CA GLU A 79 -6.20 6.00 8.92
C GLU A 79 -6.47 7.48 9.09
N ILE A 80 -5.41 8.26 8.92
CA ILE A 80 -5.48 9.71 8.95
C ILE A 80 -5.61 10.23 7.51
N ALA A 81 -6.57 11.10 7.27
CA ALA A 81 -6.75 11.65 5.91
C ALA A 81 -6.85 13.15 5.94
N GLY A 82 -6.44 13.77 4.85
CA GLY A 82 -6.52 15.24 4.72
C GLY A 82 -5.93 15.98 5.90
N PRO A 83 -6.66 16.97 6.44
CA PRO A 83 -6.15 17.77 7.55
C PRO A 83 -6.49 17.15 8.90
N GLY A 84 -6.30 15.84 9.04
CA GLY A 84 -6.51 15.21 10.32
C GLY A 84 -7.88 14.56 10.52
N PHE A 85 -8.57 14.15 9.45
CA PHE A 85 -9.74 13.28 9.64
C PHE A 85 -9.24 11.92 10.05
N ILE A 86 -9.97 11.26 10.94
CA ILE A 86 -9.63 9.90 11.33
C ILE A 86 -10.68 8.93 10.76
N ASN A 87 -10.22 8.07 9.85
CA ASN A 87 -11.06 7.08 9.18
C ASN A 87 -10.93 5.67 9.76
N ILE A 88 -12.07 5.15 10.19
CA ILE A 88 -12.13 3.93 10.94
C ILE A 88 -12.87 2.82 10.18
N PHE A 89 -12.20 1.70 9.94
CA PHE A 89 -12.79 0.57 9.20
C PHE A 89 -13.02 -0.54 10.20
N LEU A 90 -14.29 -0.89 10.43
CA LEU A 90 -14.62 -1.88 11.46
C LEU A 90 -14.17 -3.31 11.11
N ASP A 91 -13.77 -4.06 12.12
CA ASP A 91 -13.57 -5.49 12.02
C ASP A 91 -14.91 -6.17 11.71
N PRO A 92 -15.00 -6.90 10.58
CA PRO A 92 -16.28 -7.54 10.23
C PRO A 92 -16.78 -8.51 11.31
N ALA A 93 -15.86 -9.16 12.03
CA ALA A 93 -16.26 -10.06 13.09
C ALA A 93 -16.80 -9.28 14.29
N PHE A 94 -16.25 -8.09 14.54
CA PHE A 94 -16.81 -7.26 15.58
C PHE A 94 -18.27 -6.86 15.29
N LEU A 95 -18.52 -6.31 14.10
CA LEU A 95 -19.86 -5.94 13.69
C LEU A 95 -20.81 -7.12 13.79
N ALA A 96 -20.43 -8.28 13.21
CA ALA A 96 -21.33 -9.45 13.16
C ALA A 96 -21.72 -9.87 14.58
N ASP A 97 -20.74 -9.88 15.47
CA ASP A 97 -20.94 -10.22 16.88
C ASP A 97 -21.87 -9.25 17.61
N ASN A 98 -21.60 -7.95 17.45
CA ASN A 98 -22.45 -6.92 17.99
C ASN A 98 -23.88 -7.04 17.51
N VAL A 99 -24.07 -7.34 16.24
CA VAL A 99 -25.41 -7.55 15.70
C VAL A 99 -26.03 -8.87 16.27
N ASN A 100 -25.23 -9.93 16.39
CA ASN A 100 -25.74 -11.17 17.01
C ASN A 100 -26.14 -10.94 18.46
N ARG A 101 -25.37 -10.13 19.16
CA ARG A 101 -25.72 -9.79 20.55
C ARG A 101 -27.04 -9.03 20.61
N ALA A 102 -27.22 -8.06 19.72
CA ALA A 102 -28.40 -7.19 19.70
C ALA A 102 -29.66 -7.98 19.43
N LEU A 103 -29.58 -8.95 18.52
CA LEU A 103 -30.72 -9.79 18.14
C LEU A 103 -30.85 -11.09 18.93
N GLN A 104 -29.82 -11.42 19.73
CA GLN A 104 -29.90 -12.56 20.63
C GLN A 104 -31.12 -12.33 21.50
N SER A 105 -31.93 -13.38 21.66
CA SER A 105 -33.28 -13.27 22.22
C SER A 105 -34.27 -12.94 21.09
N GLU A 106 -33.90 -13.28 19.85
CA GLU A 106 -34.81 -13.22 18.71
C GLU A 106 -34.62 -14.44 17.81
N ASN B 2 12.30 -8.59 -7.08
CA ASN B 2 13.34 -7.98 -6.20
C ASN B 2 13.84 -6.60 -6.71
N ALA B 3 13.20 -6.08 -7.77
CA ALA B 3 13.49 -4.77 -8.36
C ALA B 3 13.03 -3.63 -7.47
N MSE B 4 13.61 -2.45 -7.72
N MSE B 4 13.63 -2.46 -7.58
CA MSE B 4 13.38 -1.20 -7.00
CA MSE B 4 13.10 -1.35 -6.80
C MSE B 4 12.56 -0.20 -7.77
C MSE B 4 12.71 -0.15 -7.63
O MSE B 4 12.68 -0.14 -8.99
O MSE B 4 13.20 0.04 -8.75
CB MSE B 4 14.72 -0.50 -6.82
CB MSE B 4 14.02 -0.95 -5.65
CG MSE B 4 15.70 -1.38 -6.23
CG MSE B 4 15.38 -1.58 -5.73
SE MSE B 4 14.85 -1.74 -4.57
SE MSE B 4 16.51 -0.41 -6.74
CE MSE B 4 14.89 -3.67 -4.66
CE MSE B 4 15.12 0.44 -7.77
N ASN B 5 11.79 0.62 -7.09
CA ASN B 5 11.35 1.86 -7.68
C ASN B 5 12.51 2.83 -7.47
N ILE B 6 13.22 3.11 -8.57
CA ILE B 6 14.42 3.91 -8.56
C ILE B 6 14.14 5.35 -8.12
N GLN B 7 13.08 5.93 -8.65
CA GLN B 7 12.67 7.25 -8.28
C GLN B 7 12.43 7.38 -6.77
N ALA B 8 11.69 6.42 -6.20
CA ALA B 8 11.42 6.39 -4.76
C ALA B 8 12.69 6.15 -3.93
N LEU B 9 13.60 5.29 -4.42
CA LEU B 9 14.86 5.01 -3.74
C LEU B 9 15.69 6.30 -3.71
N LEU B 10 15.76 6.98 -4.86
CA LEU B 10 16.57 8.19 -4.97
C LEU B 10 15.98 9.29 -4.11
N SER B 11 14.66 9.33 -4.08
CA SER B 11 13.93 10.27 -3.25
C SER B 11 14.14 10.03 -1.73
N GLU B 12 14.10 8.77 -1.31
CA GLU B 12 14.48 8.42 0.07
C GLU B 12 15.96 8.79 0.36
N LYS B 13 16.90 8.49 -0.55
CA LYS B 13 18.32 8.93 -0.39
C LYS B 13 18.49 10.45 -0.24
N VAL B 14 17.79 11.22 -1.10
CA VAL B 14 17.94 12.66 -1.06
C VAL B 14 17.29 13.25 0.17
N SER B 15 16.17 12.67 0.58
CA SER B 15 15.50 13.12 1.79
C SER B 15 16.47 13.08 2.99
N GLN B 16 17.10 11.92 3.18
N GLN B 16 17.08 11.90 3.18
CA GLN B 16 18.06 11.71 4.27
CA GLN B 16 18.08 11.67 4.22
C GLN B 16 19.28 12.64 4.21
C GLN B 16 19.20 12.70 4.19
N ALA B 17 19.76 12.93 3.00
CA ALA B 17 20.88 13.84 2.82
C ALA B 17 20.46 15.26 3.20
N LEU B 18 19.24 15.65 2.83
CA LEU B 18 18.70 16.98 3.17
C LEU B 18 18.57 17.12 4.67
N ILE B 19 18.01 16.09 5.30
CA ILE B 19 17.87 16.04 6.75
C ILE B 19 19.23 16.16 7.43
N ALA B 20 20.22 15.44 6.93
CA ALA B 20 21.56 15.53 7.50
C ALA B 20 22.18 16.94 7.35
N ALA B 21 21.67 17.68 6.36
CA ALA B 21 22.15 19.01 6.09
C ALA B 21 21.27 20.02 6.84
N GLY B 22 20.26 19.52 7.56
CA GLY B 22 19.48 20.38 8.46
C GLY B 22 18.03 20.59 8.10
N ALA B 23 17.58 20.01 6.98
CA ALA B 23 16.19 20.15 6.55
C ALA B 23 15.22 19.47 7.52
N PRO B 24 13.94 19.88 7.54
CA PRO B 24 12.90 19.18 8.31
C PRO B 24 12.68 17.75 7.80
N ALA B 25 12.16 16.86 8.64
CA ALA B 25 11.91 15.46 8.28
C ALA B 25 10.83 15.25 7.19
N ASP B 26 10.07 16.30 6.90
CA ASP B 26 9.01 16.20 5.90
C ASP B 26 9.36 17.00 4.67
N CYS B 27 10.66 17.33 4.50
CA CYS B 27 11.14 18.02 3.29
C CYS B 27 10.89 17.16 2.06
N GLU B 28 10.58 17.80 0.93
CA GLU B 28 10.33 17.07 -0.33
C GLU B 28 11.48 17.23 -1.34
N PRO B 29 12.17 16.12 -1.65
CA PRO B 29 13.27 16.14 -2.62
C PRO B 29 12.83 16.46 -4.03
N GLN B 30 11.55 16.18 -4.36
CA GLN B 30 11.00 16.42 -5.70
C GLN B 30 11.85 15.76 -6.78
N VAL B 31 12.09 14.45 -6.63
CA VAL B 31 12.82 13.68 -7.64
C VAL B 31 11.88 13.37 -8.83
N ARG B 32 12.32 13.74 -10.03
CA ARG B 32 11.56 13.46 -11.23
C ARG B 32 12.53 13.10 -12.33
N GLN B 33 12.02 12.53 -13.42
CA GLN B 33 12.78 12.33 -14.64
C GLN B 33 13.49 13.65 -14.95
N SER B 34 14.75 13.56 -15.38
CA SER B 34 15.51 14.76 -15.73
C SER B 34 14.82 15.52 -16.85
N ALA B 35 14.87 16.84 -16.75
CA ALA B 35 14.27 17.78 -17.71
C ALA B 35 14.97 17.77 -19.08
N LYS B 36 16.23 17.35 -19.12
CA LYS B 36 17.03 17.21 -20.35
C LYS B 36 17.96 16.03 -20.12
N VAL B 37 18.39 15.37 -21.18
CA VAL B 37 19.30 14.21 -21.03
C VAL B 37 20.64 14.70 -20.51
N GLN B 38 20.95 15.95 -20.83
CA GLN B 38 22.13 16.64 -20.34
C GLN B 38 22.12 16.72 -18.80
N PHE B 39 20.94 16.55 -18.20
CA PHE B 39 20.81 16.57 -16.75
C PHE B 39 20.69 15.16 -16.12
N GLY B 40 21.07 14.11 -16.85
CA GLY B 40 21.08 12.76 -16.29
C GLY B 40 19.80 11.96 -16.46
N ASP B 41 19.58 10.99 -15.59
CA ASP B 41 18.33 10.25 -15.58
C ASP B 41 17.26 10.85 -14.70
N TYR B 42 17.60 11.24 -13.46
CA TYR B 42 16.64 11.88 -12.56
C TYR B 42 17.23 13.17 -12.02
N GLN B 43 16.38 14.09 -11.63
CA GLN B 43 16.80 15.25 -10.86
C GLN B 43 16.02 15.36 -9.55
N ALA B 44 16.69 15.86 -8.51
CA ALA B 44 15.98 16.29 -7.31
C ALA B 44 15.78 17.80 -7.46
N ASN B 45 14.51 18.21 -7.45
CA ASN B 45 14.11 19.59 -7.73
C ASN B 45 13.82 20.40 -6.45
N GLY B 46 13.95 19.75 -5.29
CA GLY B 46 13.45 20.32 -4.04
C GLY B 46 14.40 21.18 -3.23
N VAL B 47 15.64 21.34 -3.70
CA VAL B 47 16.67 22.05 -2.92
C VAL B 47 16.38 23.52 -2.67
N MSE B 48 15.92 24.24 -3.70
CA MSE B 48 15.73 25.68 -3.55
C MSE B 48 14.64 26.02 -2.53
O MSE B 48 14.77 26.98 -1.77
CB MSE B 48 15.49 26.37 -4.90
CG MSE B 48 16.71 26.43 -5.78
SE MSE B 48 17.13 24.71 -6.59
CE MSE B 48 15.75 24.72 -7.97
N ALA B 49 13.59 25.19 -2.47
CA ALA B 49 12.49 25.40 -1.51
C ALA B 49 12.93 25.16 -0.07
N VAL B 50 13.83 24.21 0.14
CA VAL B 50 14.39 23.98 1.48
C VAL B 50 15.37 25.11 1.89
N ALA B 51 16.26 25.48 0.98
CA ALA B 51 17.24 26.51 1.24
C ALA B 51 16.51 27.80 1.60
N LYS B 52 15.36 28.01 0.97
CA LYS B 52 14.56 29.20 1.21
C LYS B 52 14.00 29.21 2.63
N LYS B 53 13.53 28.06 3.11
CA LYS B 53 12.93 28.00 4.47
C LYS B 53 14.01 28.14 5.51
N LEU B 54 15.23 27.72 5.17
CA LEU B 54 16.33 27.67 6.11
C LEU B 54 17.22 28.92 6.08
N GLY B 55 16.89 29.88 5.22
CA GLY B 55 17.72 31.07 5.06
C GLY B 55 19.13 30.69 4.61
N MSE B 56 19.22 29.89 3.56
CA MSE B 56 20.50 29.41 3.07
C MSE B 56 20.59 29.62 1.58
O MSE B 56 19.59 29.60 0.89
CB MSE B 56 20.62 27.92 3.28
CG MSE B 56 21.17 27.49 4.59
SE MSE B 56 21.31 25.55 4.40
CE MSE B 56 22.99 25.49 3.39
N ALA B 57 21.82 29.81 1.11
CA ALA B 57 22.08 29.83 -0.31
C ALA B 57 21.95 28.39 -0.82
N PRO B 58 20.97 28.18 -1.73
CA PRO B 58 20.67 26.88 -2.32
C PRO B 58 21.88 26.16 -2.90
N ARG B 59 22.78 26.88 -3.56
CA ARG B 59 23.98 26.25 -4.10
C ARG B 59 24.80 25.63 -2.97
N GLN B 60 24.91 26.36 -1.86
CA GLN B 60 25.62 25.81 -0.70
C GLN B 60 24.90 24.59 -0.11
N LEU B 61 23.56 24.61 -0.10
CA LEU B 61 22.79 23.47 0.43
C LEU B 61 22.96 22.23 -0.41
N ALA B 62 22.90 22.40 -1.73
CA ALA B 62 23.08 21.34 -2.70
C ALA B 62 24.46 20.70 -2.55
N GLU B 63 25.49 21.52 -2.36
CA GLU B 63 26.86 21.03 -2.10
C GLU B 63 26.90 20.09 -0.89
N GLN B 64 26.27 20.50 0.21
CA GLN B 64 26.18 19.64 1.39
C GLN B 64 25.33 18.39 1.19
N VAL B 65 24.26 18.49 0.41
CA VAL B 65 23.47 17.33 0.04
C VAL B 65 24.38 16.34 -0.72
N LEU B 66 25.16 16.83 -1.67
CA LEU B 66 26.13 15.98 -2.39
C LEU B 66 27.14 15.28 -1.47
N SER B 67 27.73 15.97 -0.49
CA SER B 67 28.66 15.21 0.39
C SER B 67 27.96 14.21 1.30
N HIS B 68 26.70 14.46 1.67
CA HIS B 68 25.94 13.49 2.45
C HIS B 68 25.44 12.29 1.64
N LEU B 69 25.23 12.48 0.35
CA LEU B 69 24.65 11.45 -0.51
C LEU B 69 25.68 10.35 -0.73
N ASP B 70 25.28 9.10 -0.56
CA ASP B 70 26.12 7.99 -1.01
C ASP B 70 25.35 7.21 -2.02
N LEU B 71 25.75 7.30 -3.29
CA LEU B 71 25.05 6.56 -4.33
C LEU B 71 26.00 5.61 -5.04
N ASN B 72 27.09 5.25 -4.36
CA ASN B 72 27.99 4.23 -4.87
C ASN B 72 27.17 3.00 -5.28
N GLY B 73 27.43 2.48 -6.49
CA GLY B 73 26.72 1.33 -7.05
C GLY B 73 25.35 1.62 -7.68
N ILE B 74 24.89 2.85 -7.55
CA ILE B 74 23.58 3.23 -8.02
C ILE B 74 23.69 4.32 -9.08
N ALA B 75 24.46 5.36 -8.77
CA ALA B 75 24.71 6.46 -9.68
C ALA B 75 26.20 6.52 -10.05
N ASN B 76 26.51 6.65 -11.33
CA ASN B 76 27.92 6.81 -11.71
C ASN B 76 28.41 8.22 -11.41
N LYS B 77 27.49 9.17 -11.45
CA LYS B 77 27.84 10.58 -11.34
C LYS B 77 26.67 11.35 -10.74
N VAL B 78 26.99 12.32 -9.89
CA VAL B 78 25.98 13.24 -9.37
C VAL B 78 26.52 14.67 -9.48
N GLU B 79 25.73 15.56 -10.08
CA GLU B 79 26.21 16.90 -10.40
C GLU B 79 25.20 17.91 -9.92
N ILE B 80 25.68 19.12 -9.63
CA ILE B 80 24.79 20.23 -9.32
C ILE B 80 24.64 21.12 -10.56
N ALA B 81 23.40 21.54 -10.86
CA ALA B 81 23.18 22.53 -11.93
C ALA B 81 22.42 23.73 -11.43
N GLY B 82 22.83 24.90 -11.93
CA GLY B 82 22.16 26.17 -11.68
C GLY B 82 22.16 26.51 -10.20
N PRO B 83 20.98 26.89 -9.66
CA PRO B 83 20.87 27.32 -8.27
C PRO B 83 20.81 26.16 -7.27
N GLY B 84 20.76 24.90 -7.73
CA GLY B 84 20.74 23.77 -6.81
C GLY B 84 20.01 22.52 -7.25
N PHE B 85 19.69 22.41 -8.54
CA PHE B 85 19.19 21.15 -9.11
C PHE B 85 20.24 20.07 -8.89
N ILE B 86 19.82 18.86 -8.52
CA ILE B 86 20.75 17.74 -8.38
C ILE B 86 20.49 16.73 -9.49
N ASN B 87 21.49 16.56 -10.35
CA ASN B 87 21.42 15.75 -11.56
C ASN B 87 22.05 14.41 -11.28
N ILE B 88 21.25 13.38 -11.37
CA ILE B 88 21.68 12.04 -11.02
C ILE B 88 21.78 11.20 -12.28
N PHE B 89 23.00 10.72 -12.58
CA PHE B 89 23.30 9.84 -13.71
C PHE B 89 23.49 8.38 -13.22
N LEU B 90 22.61 7.48 -13.62
CA LEU B 90 22.64 6.10 -13.12
C LEU B 90 23.82 5.29 -13.63
N ASP B 91 24.33 4.43 -12.76
CA ASP B 91 25.23 3.34 -13.11
C ASP B 91 24.46 2.41 -14.05
N PRO B 92 24.98 2.18 -15.28
CA PRO B 92 24.35 1.28 -16.25
C PRO B 92 24.17 -0.14 -15.71
N ALA B 93 25.13 -0.64 -14.94
CA ALA B 93 25.02 -1.95 -14.30
C ALA B 93 23.86 -1.95 -13.34
N PHE B 94 23.65 -0.83 -12.67
CA PHE B 94 22.51 -0.76 -11.75
C PHE B 94 21.20 -0.78 -12.53
N LEU B 95 21.12 -0.02 -13.60
CA LEU B 95 19.88 0.01 -14.35
C LEU B 95 19.58 -1.35 -15.01
N ALA B 96 20.55 -1.92 -15.74
CA ALA B 96 20.47 -3.29 -16.30
C ALA B 96 20.01 -4.31 -15.28
N ASP B 97 20.60 -4.28 -14.10
CA ASP B 97 20.35 -5.26 -13.06
C ASP B 97 18.92 -5.13 -12.56
N ASN B 98 18.46 -3.88 -12.44
CA ASN B 98 17.19 -3.63 -11.81
C ASN B 98 16.08 -4.05 -12.79
N VAL B 99 16.30 -3.81 -14.09
CA VAL B 99 15.35 -4.20 -15.13
C VAL B 99 15.32 -5.73 -15.23
N ASN B 100 16.50 -6.35 -15.16
CA ASN B 100 16.54 -7.81 -15.17
C ASN B 100 15.84 -8.41 -13.99
N ARG B 101 15.95 -7.78 -12.82
CA ARG B 101 15.21 -8.30 -11.66
C ARG B 101 13.70 -8.13 -11.85
N ALA B 102 13.33 -7.03 -12.48
CA ALA B 102 11.92 -6.73 -12.72
C ALA B 102 11.36 -7.74 -13.70
N LEU B 103 12.20 -8.18 -14.63
CA LEU B 103 11.71 -9.02 -15.72
C LEU B 103 11.99 -10.52 -15.52
N GLN B 104 12.82 -10.86 -14.53
CA GLN B 104 13.41 -12.18 -14.52
C GLN B 104 12.38 -13.29 -14.47
N SER B 105 11.28 -13.03 -13.75
CA SER B 105 10.17 -13.96 -13.58
C SER B 105 9.32 -14.15 -14.84
N GLU B 106 9.46 -13.24 -15.81
CA GLU B 106 8.70 -13.30 -17.09
C GLU B 106 9.55 -13.77 -18.27
N ARG B 107 10.82 -14.12 -18.02
CA ARG B 107 11.69 -14.66 -19.07
C ARG B 107 11.25 -16.08 -19.49
N LEU B 108 11.19 -16.36 -20.79
CA LEU B 108 10.93 -17.72 -21.27
C LEU B 108 12.11 -18.36 -22.04
N ASN C 2 17.67 -8.90 -23.36
CA ASN C 2 17.03 -8.44 -24.64
C ASN C 2 15.61 -7.85 -24.45
N ALA C 3 15.10 -7.12 -25.47
CA ALA C 3 13.96 -6.20 -25.27
C ALA C 3 12.60 -6.88 -25.26
N MSE C 4 11.65 -6.37 -24.49
N MSE C 4 11.67 -6.31 -24.49
CA MSE C 4 10.36 -7.00 -24.57
CA MSE C 4 10.33 -6.86 -24.35
C MSE C 4 9.28 -6.08 -25.12
C MSE C 4 9.28 -6.06 -25.12
O MSE C 4 9.47 -4.87 -25.29
O MSE C 4 9.49 -4.87 -25.44
CB MSE C 4 9.95 -7.69 -23.26
CB MSE C 4 9.95 -6.94 -22.85
CG MSE C 4 8.97 -6.92 -22.46
CG MSE C 4 10.70 -8.00 -22.02
SE MSE C 4 9.99 -5.37 -22.17
SE MSE C 4 9.71 -9.69 -21.66
CE MSE C 4 11.67 -6.33 -21.95
CE MSE C 4 10.61 -10.34 -20.05
N ASN C 5 8.17 -6.71 -25.46
CA ASN C 5 6.97 -6.03 -25.86
C ASN C 5 6.29 -5.50 -24.60
N ILE C 6 6.23 -4.17 -24.47
CA ILE C 6 5.74 -3.56 -23.23
C ILE C 6 4.25 -3.78 -23.04
N GLN C 7 3.50 -3.67 -24.12
CA GLN C 7 2.07 -3.89 -24.05
C GLN C 7 1.77 -5.32 -23.59
N ALA C 8 2.49 -6.30 -24.12
CA ALA C 8 2.29 -7.70 -23.73
C ALA C 8 2.73 -7.98 -22.26
N LEU C 9 3.85 -7.39 -21.84
CA LEU C 9 4.31 -7.55 -20.48
C LEU C 9 3.24 -7.03 -19.53
N LEU C 10 2.77 -5.82 -19.77
CA LEU C 10 1.78 -5.21 -18.89
C LEU C 10 0.44 -5.98 -18.87
N SER C 11 0.02 -6.51 -20.01
N SER C 11 0.04 -6.52 -20.02
CA SER C 11 -1.18 -7.36 -20.03
CA SER C 11 -1.15 -7.37 -20.13
C SER C 11 -0.97 -8.54 -19.10
C SER C 11 -1.04 -8.64 -19.27
N GLU C 12 0.13 -9.28 -19.30
CA GLU C 12 0.38 -10.45 -18.48
C GLU C 12 0.37 -10.10 -16.95
N LYS C 13 0.97 -8.97 -16.58
CA LYS C 13 0.98 -8.51 -15.18
C LYS C 13 -0.41 -8.15 -14.67
N VAL C 14 -1.14 -7.37 -15.44
CA VAL C 14 -2.50 -7.01 -15.05
C VAL C 14 -3.39 -8.25 -14.96
N SER C 15 -3.19 -9.15 -15.89
CA SER C 15 -3.91 -10.40 -15.91
C SER C 15 -3.70 -11.23 -14.64
N GLN C 16 -2.44 -11.38 -14.22
N GLN C 16 -2.43 -11.37 -14.23
CA GLN C 16 -2.13 -12.15 -13.01
CA GLN C 16 -2.08 -12.13 -13.01
C GLN C 16 -2.68 -11.47 -11.77
C GLN C 16 -2.71 -11.47 -11.79
N ALA C 17 -2.66 -10.15 -11.78
CA ALA C 17 -3.21 -9.33 -10.69
C ALA C 17 -4.74 -9.50 -10.61
N LEU C 18 -5.39 -9.58 -11.77
CA LEU C 18 -6.85 -9.76 -11.80
C LEU C 18 -7.17 -11.17 -11.30
N ILE C 19 -6.32 -12.13 -11.66
CA ILE C 19 -6.55 -13.51 -11.24
C ILE C 19 -6.43 -13.60 -9.74
N ALA C 20 -5.44 -12.90 -9.18
CA ALA C 20 -5.18 -12.93 -7.74
C ALA C 20 -6.31 -12.24 -6.99
N ALA C 21 -7.03 -11.35 -7.66
CA ALA C 21 -8.13 -10.65 -7.02
C ALA C 21 -9.43 -11.39 -7.28
N GLY C 22 -9.35 -12.58 -7.86
CA GLY C 22 -10.53 -13.43 -8.05
C GLY C 22 -11.05 -13.59 -9.48
N ALA C 23 -10.47 -12.89 -10.45
CA ALA C 23 -10.92 -12.98 -11.88
C ALA C 23 -10.68 -14.36 -12.47
N PRO C 24 -11.55 -14.81 -13.42
CA PRO C 24 -11.28 -16.11 -14.10
C PRO C 24 -10.00 -16.10 -14.93
N ALA C 25 -9.43 -17.27 -15.19
CA ALA C 25 -8.10 -17.35 -15.82
C ALA C 25 -8.05 -16.79 -17.23
N ASP C 26 -9.20 -16.73 -17.89
CA ASP C 26 -9.26 -16.20 -19.24
C ASP C 26 -9.71 -14.73 -19.29
N CYS C 27 -9.62 -14.03 -18.16
CA CYS C 27 -10.01 -12.61 -18.13
C CYS C 27 -9.14 -11.79 -19.09
N GLU C 28 -9.70 -10.67 -19.57
N GLU C 28 -9.68 -10.66 -19.53
CA GLU C 28 -9.01 -9.80 -20.51
CA GLU C 28 -9.03 -9.81 -20.52
C GLU C 28 -8.70 -8.45 -19.87
C GLU C 28 -8.71 -8.43 -19.95
N PRO C 29 -7.41 -8.15 -19.69
CA PRO C 29 -7.02 -6.87 -19.08
C PRO C 29 -7.31 -5.67 -19.98
N GLN C 30 -7.39 -5.89 -21.30
CA GLN C 30 -7.56 -4.81 -22.26
C GLN C 30 -6.57 -3.67 -22.03
N VAL C 31 -5.28 -4.02 -21.96
CA VAL C 31 -4.23 -3.03 -21.91
C VAL C 31 -4.08 -2.45 -23.32
N ARG C 32 -4.14 -1.11 -23.44
CA ARG C 32 -3.94 -0.40 -24.70
C ARG C 32 -3.15 0.87 -24.42
N GLN C 33 -2.50 1.44 -25.44
CA GLN C 33 -1.89 2.78 -25.31
C GLN C 33 -2.90 3.76 -24.67
N SER C 34 -2.46 4.58 -23.70
CA SER C 34 -3.38 5.48 -22.96
C SER C 34 -4.13 6.39 -23.90
N ALA C 35 -5.36 6.74 -23.51
CA ALA C 35 -6.24 7.61 -24.29
C ALA C 35 -5.79 9.09 -24.33
N LYS C 36 -4.99 9.53 -23.33
CA LYS C 36 -4.32 10.86 -23.30
C LYS C 36 -3.00 10.70 -22.52
N VAL C 37 -2.06 11.63 -22.70
CA VAL C 37 -0.80 11.63 -21.93
C VAL C 37 -1.07 11.71 -20.41
N GLN C 38 -2.14 12.43 -20.04
CA GLN C 38 -2.60 12.55 -18.65
C GLN C 38 -2.93 11.20 -18.03
N PHE C 39 -3.29 10.24 -18.87
CA PHE C 39 -3.64 8.88 -18.41
C PHE C 39 -2.46 7.90 -18.50
N GLY C 40 -1.24 8.41 -18.60
CA GLY C 40 -0.05 7.56 -18.59
C GLY C 40 0.36 7.07 -19.96
N ASP C 41 1.04 5.94 -20.00
CA ASP C 41 1.52 5.37 -21.25
C ASP C 41 0.57 4.28 -21.75
N TYR C 42 0.11 3.48 -20.79
CA TYR C 42 -0.86 2.42 -21.02
C TYR C 42 -1.99 2.47 -20.00
N GLN C 43 -3.16 2.02 -20.44
CA GLN C 43 -4.28 1.80 -19.54
C GLN C 43 -4.78 0.39 -19.70
N ALA C 44 -5.15 -0.19 -18.57
CA ALA C 44 -5.85 -1.45 -18.51
C ALA C 44 -7.31 -1.06 -18.51
N ASN C 45 -8.04 -1.59 -19.48
CA ASN C 45 -9.39 -1.13 -19.76
C ASN C 45 -10.42 -2.15 -19.33
N GLY C 46 -9.95 -3.28 -18.80
CA GLY C 46 -10.81 -4.44 -18.60
C GLY C 46 -11.45 -4.64 -17.23
N VAL C 47 -11.16 -3.75 -16.28
CA VAL C 47 -11.63 -3.94 -14.91
C VAL C 47 -13.15 -3.97 -14.77
N MSE C 48 -13.83 -3.03 -15.42
CA MSE C 48 -15.30 -2.98 -15.34
C MSE C 48 -15.98 -4.22 -15.90
O MSE C 48 -16.94 -4.73 -15.32
CB MSE C 48 -15.86 -1.68 -15.98
CG MSE C 48 -15.53 -0.41 -15.24
SE MSE C 48 -13.66 0.21 -15.51
CE MSE C 48 -13.83 0.79 -17.38
N ALA C 49 -15.49 -4.74 -17.02
CA ALA C 49 -16.06 -5.97 -17.58
C ALA C 49 -15.88 -7.17 -16.62
N VAL C 50 -14.72 -7.28 -16.00
CA VAL C 50 -14.48 -8.36 -15.03
C VAL C 50 -15.32 -8.12 -13.77
N ALA C 51 -15.34 -6.89 -13.27
CA ALA C 51 -16.09 -6.60 -12.03
C ALA C 51 -17.58 -6.89 -12.22
N LYS C 52 -18.10 -6.58 -13.40
CA LYS C 52 -19.51 -6.86 -13.71
C LYS C 52 -19.81 -8.38 -13.59
N LYS C 53 -18.99 -9.22 -14.22
CA LYS C 53 -19.13 -10.67 -14.15
C LYS C 53 -19.02 -11.19 -12.73
N LEU C 54 -18.19 -10.52 -11.92
CA LEU C 54 -17.98 -10.94 -10.54
C LEU C 54 -18.97 -10.31 -9.56
N GLY C 55 -19.88 -9.49 -10.08
CA GLY C 55 -20.79 -8.74 -9.24
C GLY C 55 -20.07 -7.98 -8.14
N MSE C 56 -19.07 -7.18 -8.54
CA MSE C 56 -18.24 -6.40 -7.63
C MSE C 56 -18.28 -4.94 -8.04
O MSE C 56 -18.55 -4.65 -9.18
CB MSE C 56 -16.79 -6.82 -7.79
CG MSE C 56 -16.31 -7.95 -6.93
SE MSE C 56 -14.34 -8.11 -7.17
CE MSE C 56 -13.78 -6.72 -5.89
N ALA C 57 -17.98 -4.02 -7.13
CA ALA C 57 -17.77 -2.62 -7.53
C ALA C 57 -16.43 -2.50 -8.30
N PRO C 58 -16.48 -1.91 -9.50
CA PRO C 58 -15.27 -1.91 -10.32
C PRO C 58 -14.09 -1.15 -9.69
N ARG C 59 -14.37 -0.04 -9.02
CA ARG C 59 -13.35 0.69 -8.28
C ARG C 59 -12.65 -0.16 -7.22
N GLN C 60 -13.43 -0.86 -6.39
CA GLN C 60 -12.89 -1.78 -5.38
C GLN C 60 -11.97 -2.83 -6.05
N LEU C 61 -12.40 -3.38 -7.18
CA LEU C 61 -11.58 -4.38 -7.87
C LEU C 61 -10.27 -3.80 -8.37
N ALA C 62 -10.34 -2.57 -8.88
CA ALA C 62 -9.15 -1.84 -9.36
C ALA C 62 -8.12 -1.56 -8.25
N GLU C 63 -8.61 -1.18 -7.08
CA GLU C 63 -7.75 -1.01 -5.91
C GLU C 63 -7.07 -2.34 -5.57
N GLN C 64 -7.81 -3.44 -5.56
CA GLN C 64 -7.21 -4.76 -5.36
C GLN C 64 -6.15 -5.12 -6.43
N VAL C 65 -6.49 -4.93 -7.71
CA VAL C 65 -5.53 -5.19 -8.80
C VAL C 65 -4.23 -4.42 -8.55
N LEU C 66 -4.37 -3.17 -8.15
CA LEU C 66 -3.26 -2.29 -7.84
C LEU C 66 -2.36 -2.79 -6.71
N SER C 67 -2.95 -3.30 -5.62
CA SER C 67 -2.08 -3.81 -4.55
C SER C 67 -1.41 -5.13 -4.94
N HIS C 68 -2.02 -5.91 -5.84
CA HIS C 68 -1.41 -7.17 -6.37
C HIS C 68 -0.30 -6.96 -7.41
N LEU C 69 -0.38 -5.84 -8.11
CA LEU C 69 0.51 -5.51 -9.19
C LEU C 69 1.88 -5.16 -8.61
N ASP C 70 2.94 -5.73 -9.16
CA ASP C 70 4.30 -5.30 -8.82
C ASP C 70 5.01 -4.90 -10.11
N LEU C 71 5.18 -3.58 -10.26
CA LEU C 71 5.77 -2.98 -11.43
C LEU C 71 7.00 -2.16 -11.05
N ASN C 72 7.55 -2.43 -9.86
CA ASN C 72 8.85 -1.90 -9.51
C ASN C 72 9.84 -2.15 -10.64
N GLY C 73 10.54 -1.10 -11.06
CA GLY C 73 11.57 -1.23 -12.10
C GLY C 73 11.04 -1.00 -13.51
N ILE C 74 9.71 -0.99 -13.63
CA ILE C 74 8.97 -0.93 -14.90
C ILE C 74 8.14 0.38 -14.97
N ALA C 75 7.22 0.56 -14.03
CA ALA C 75 6.42 1.78 -13.97
C ALA C 75 6.82 2.67 -12.78
N ASN C 76 6.86 3.97 -13.00
CA ASN C 76 7.14 4.89 -11.89
C ASN C 76 5.92 5.11 -11.00
N LYS C 77 4.73 5.04 -11.60
CA LYS C 77 3.49 5.09 -10.84
C LYS C 77 2.33 4.42 -11.57
N VAL C 78 1.32 4.02 -10.80
CA VAL C 78 0.09 3.43 -11.30
C VAL C 78 -1.06 4.09 -10.54
N GLU C 79 -2.11 4.51 -11.25
CA GLU C 79 -3.22 5.21 -10.63
C GLU C 79 -4.52 4.64 -11.17
N ILE C 80 -5.61 4.89 -10.44
CA ILE C 80 -6.93 4.49 -10.88
C ILE C 80 -7.67 5.77 -11.30
N ALA C 81 -8.45 5.67 -12.37
CA ALA C 81 -9.28 6.78 -12.79
C ALA C 81 -10.71 6.30 -13.06
N GLY C 82 -11.67 7.21 -12.90
CA GLY C 82 -13.09 6.94 -13.20
C GLY C 82 -13.59 5.74 -12.45
N PRO C 83 -14.34 4.87 -13.13
CA PRO C 83 -14.88 3.68 -12.46
C PRO C 83 -13.83 2.57 -12.22
N GLY C 84 -12.65 2.65 -12.84
CA GLY C 84 -11.65 1.61 -12.64
C GLY C 84 -10.66 1.38 -13.77
N PHE C 85 -10.45 2.39 -14.61
CA PHE C 85 -9.32 2.39 -15.51
C PHE C 85 -8.02 2.37 -14.67
N ILE C 86 -7.01 1.64 -15.16
CA ILE C 86 -5.71 1.60 -14.50
C ILE C 86 -4.71 2.29 -15.41
N ASN C 87 -4.19 3.41 -14.91
CA ASN C 87 -3.29 4.30 -15.63
C ASN C 87 -1.86 3.99 -15.21
N ILE C 88 -1.06 3.54 -16.16
CA ILE C 88 0.31 3.06 -15.91
C ILE C 88 1.33 4.01 -16.53
N PHE C 89 2.08 4.70 -15.69
CA PHE C 89 3.12 5.61 -16.16
C PHE C 89 4.45 4.88 -16.10
N LEU C 90 5.08 4.66 -17.26
CA LEU C 90 6.30 3.83 -17.30
C LEU C 90 7.54 4.58 -16.80
N ASP C 91 8.48 3.85 -16.21
CA ASP C 91 9.77 4.45 -15.81
C ASP C 91 10.56 4.82 -17.08
N PRO C 92 11.04 6.08 -17.17
CA PRO C 92 11.67 6.53 -18.41
C PRO C 92 13.01 5.86 -18.64
N ALA C 93 13.70 5.50 -17.54
CA ALA C 93 14.93 4.73 -17.64
C ALA C 93 14.64 3.30 -18.14
N PHE C 94 13.50 2.73 -17.73
CA PHE C 94 13.08 1.43 -18.25
C PHE C 94 12.84 1.49 -19.76
N LEU C 95 12.17 2.57 -20.18
CA LEU C 95 11.84 2.73 -21.58
C LEU C 95 13.12 2.91 -22.41
N ALA C 96 14.00 3.82 -21.97
CA ALA C 96 15.24 4.15 -22.70
C ALA C 96 16.06 2.88 -22.85
N ASP C 97 16.10 2.11 -21.78
CA ASP C 97 16.85 0.88 -21.76
C ASP C 97 16.22 -0.16 -22.70
N ASN C 98 14.91 -0.31 -22.66
CA ASN C 98 14.26 -1.25 -23.59
C ASN C 98 14.55 -0.99 -25.07
N VAL C 99 14.46 0.27 -25.49
CA VAL C 99 14.88 0.72 -26.84
C VAL C 99 16.33 0.35 -27.15
N ASN C 100 17.27 0.65 -26.23
CA ASN C 100 18.69 0.25 -26.41
C ASN C 100 18.92 -1.23 -26.58
N ARG C 101 18.21 -2.01 -25.78
CA ARG C 101 18.24 -3.47 -25.97
C ARG C 101 17.74 -3.88 -27.37
N ALA C 102 16.67 -3.23 -27.84
CA ALA C 102 16.09 -3.59 -29.14
C ALA C 102 17.01 -3.19 -30.28
N LEU C 103 17.82 -2.15 -30.07
CA LEU C 103 18.64 -1.56 -31.14
C LEU C 103 20.05 -2.07 -31.14
N GLN C 104 20.43 -2.70 -30.03
CA GLN C 104 21.79 -3.10 -29.78
C GLN C 104 22.43 -3.87 -30.92
N SER C 105 21.74 -4.90 -31.43
CA SER C 105 22.22 -5.70 -32.57
C SER C 105 22.47 -4.89 -33.86
N GLU C 106 21.84 -3.72 -33.99
CA GLU C 106 22.02 -2.88 -35.20
C GLU C 106 23.05 -1.75 -35.08
N ARG C 107 23.48 -1.42 -33.85
CA ARG C 107 24.37 -0.25 -33.58
C ARG C 107 25.54 -0.06 -34.57
N ASN D 2 -6.04 -7.58 26.57
CA ASN D 2 -5.95 -6.77 25.31
C ASN D 2 -6.20 -7.59 24.00
N ALA D 3 -7.03 -7.06 23.10
CA ALA D 3 -7.44 -7.78 21.91
C ALA D 3 -6.38 -7.60 20.83
N MSE D 4 -6.38 -8.44 19.81
N MSE D 4 -6.38 -8.45 19.82
CA MSE D 4 -5.54 -8.09 18.69
CA MSE D 4 -5.51 -8.17 18.69
C MSE D 4 -6.34 -7.79 17.43
C MSE D 4 -6.30 -7.91 17.41
O MSE D 4 -7.58 -7.92 17.39
O MSE D 4 -7.52 -8.14 17.33
CB MSE D 4 -4.40 -9.10 18.45
CB MSE D 4 -4.34 -9.16 18.58
CG MSE D 4 -4.65 -10.09 17.35
CG MSE D 4 -3.25 -8.92 19.69
SE MSE D 4 -5.90 -11.32 18.07
SE MSE D 4 -1.32 -9.39 19.45
CE MSE D 4 -5.38 -11.12 19.95
CE MSE D 4 -0.58 -8.31 20.91
N ASN D 5 -5.60 -7.35 16.42
CA ASN D 5 -6.14 -7.03 15.13
C ASN D 5 -6.00 -8.30 14.31
N ILE D 6 -7.16 -8.88 13.96
CA ILE D 6 -7.20 -10.18 13.34
C ILE D 6 -6.60 -10.14 11.96
N GLN D 7 -6.86 -9.07 11.20
CA GLN D 7 -6.30 -9.02 9.86
C GLN D 7 -4.80 -8.93 9.89
N ALA D 8 -4.28 -8.04 10.75
CA ALA D 8 -2.84 -7.87 10.98
C ALA D 8 -2.18 -9.17 11.50
N LEU D 9 -2.82 -9.78 12.51
CA LEU D 9 -2.38 -11.12 12.98
C LEU D 9 -2.26 -12.14 11.84
N LEU D 10 -3.30 -12.27 11.02
CA LEU D 10 -3.29 -13.21 9.89
C LEU D 10 -2.23 -12.91 8.82
N SER D 11 -2.13 -11.63 8.41
CA SER D 11 -1.04 -11.16 7.54
C SER D 11 0.36 -11.52 8.03
N GLU D 12 0.61 -11.30 9.31
CA GLU D 12 1.89 -11.65 9.91
C GLU D 12 2.15 -13.17 9.83
N LYS D 13 1.18 -13.97 10.23
CA LYS D 13 1.40 -15.42 10.22
C LYS D 13 1.58 -15.95 8.81
N VAL D 14 0.76 -15.46 7.88
CA VAL D 14 0.90 -15.90 6.51
C VAL D 14 2.24 -15.39 5.90
N SER D 15 2.64 -14.18 6.26
CA SER D 15 3.91 -13.64 5.84
C SER D 15 5.06 -14.53 6.33
N GLN D 16 5.00 -14.95 7.59
CA GLN D 16 6.04 -15.84 8.16
C GLN D 16 6.08 -17.22 7.55
N ALA D 17 4.90 -17.81 7.32
CA ALA D 17 4.82 -19.12 6.66
C ALA D 17 5.40 -19.01 5.24
N LEU D 18 5.11 -17.88 4.59
CA LEU D 18 5.57 -17.71 3.20
C LEU D 18 7.08 -17.60 3.20
N ILE D 19 7.61 -16.76 4.10
CA ILE D 19 9.04 -16.67 4.26
C ILE D 19 9.70 -18.03 4.55
N ALA D 20 9.19 -18.79 5.53
CA ALA D 20 9.72 -20.14 5.83
C ALA D 20 9.76 -21.02 4.57
N ALA D 21 8.78 -20.81 3.69
CA ALA D 21 8.67 -21.59 2.48
C ALA D 21 9.55 -21.02 1.36
N GLY D 22 10.22 -19.89 1.60
CA GLY D 22 11.21 -19.37 0.64
C GLY D 22 10.92 -18.03 0.00
N ALA D 23 9.87 -17.35 0.46
CA ALA D 23 9.50 -16.02 -0.04
C ALA D 23 10.50 -14.98 0.45
N PRO D 24 10.67 -13.88 -0.33
CA PRO D 24 11.44 -12.71 0.14
C PRO D 24 10.92 -12.18 1.48
N ALA D 25 11.78 -11.54 2.26
CA ALA D 25 11.39 -11.08 3.60
C ALA D 25 10.29 -9.99 3.54
N ASP D 26 10.22 -9.29 2.40
CA ASP D 26 9.23 -8.24 2.20
C ASP D 26 8.01 -8.70 1.39
N CYS D 27 7.78 -10.02 1.34
CA CYS D 27 6.66 -10.58 0.58
C CYS D 27 5.32 -10.09 1.12
N GLU D 28 4.34 -10.01 0.22
N GLU D 28 4.31 -9.98 0.26
CA GLU D 28 2.97 -9.62 0.53
CA GLU D 28 3.01 -9.51 0.72
C GLU D 28 2.06 -10.84 0.60
C GLU D 28 1.97 -10.62 0.62
N PRO D 29 1.48 -11.13 1.77
CA PRO D 29 0.52 -12.23 1.84
C PRO D 29 -0.82 -11.90 1.21
N GLN D 30 -1.12 -10.61 1.08
CA GLN D 30 -2.37 -10.14 0.46
C GLN D 30 -3.59 -10.77 1.15
N VAL D 31 -3.64 -10.64 2.48
CA VAL D 31 -4.74 -11.17 3.27
C VAL D 31 -5.88 -10.17 3.19
N ARG D 32 -7.07 -10.67 2.88
CA ARG D 32 -8.24 -9.81 2.83
C ARG D 32 -9.48 -10.48 3.34
N GLN D 33 -10.40 -9.66 3.86
CA GLN D 33 -11.70 -10.13 4.23
C GLN D 33 -12.32 -10.84 3.04
N SER D 34 -12.84 -12.04 3.28
CA SER D 34 -13.24 -12.91 2.19
C SER D 34 -14.45 -12.41 1.41
N ALA D 35 -14.45 -12.64 0.10
CA ALA D 35 -15.56 -12.21 -0.76
C ALA D 35 -16.89 -12.86 -0.34
N LYS D 36 -16.91 -14.19 -0.31
CA LYS D 36 -18.10 -14.97 0.05
C LYS D 36 -17.90 -15.78 1.34
N VAL D 37 -19.00 -15.97 2.07
CA VAL D 37 -19.03 -16.80 3.28
C VAL D 37 -18.38 -18.17 3.06
N GLN D 38 -18.66 -18.83 1.93
CA GLN D 38 -18.07 -20.15 1.67
C GLN D 38 -16.54 -20.14 1.54
N PHE D 39 -15.96 -18.97 1.31
CA PHE D 39 -14.51 -18.83 1.29
C PHE D 39 -13.88 -18.54 2.65
N GLY D 40 -14.67 -18.56 3.72
CA GLY D 40 -14.14 -18.36 5.05
C GLY D 40 -14.25 -16.93 5.52
N ASP D 41 -13.45 -16.54 6.49
CA ASP D 41 -13.49 -15.18 7.01
C ASP D 41 -12.47 -14.30 6.27
N TYR D 42 -11.31 -14.87 5.97
CA TYR D 42 -10.26 -14.16 5.29
C TYR D 42 -9.63 -15.07 4.24
N GLN D 43 -8.98 -14.40 3.31
CA GLN D 43 -8.34 -15.08 2.25
C GLN D 43 -6.98 -14.45 2.11
N ALA D 44 -5.96 -15.28 1.94
CA ALA D 44 -4.63 -14.80 1.59
C ALA D 44 -4.43 -15.09 0.13
N ASN D 45 -4.18 -14.06 -0.65
CA ASN D 45 -4.13 -14.20 -2.10
C ASN D 45 -2.78 -13.93 -2.73
N GLY D 46 -1.75 -13.95 -1.90
CA GLY D 46 -0.42 -13.53 -2.33
C GLY D 46 0.51 -14.65 -2.77
N VAL D 47 0.02 -15.88 -2.69
CA VAL D 47 0.85 -17.03 -2.99
C VAL D 47 1.29 -17.11 -4.45
N MSE D 48 0.33 -16.89 -5.36
N MSE D 48 0.39 -16.88 -5.40
CA MSE D 48 0.54 -16.91 -6.79
CA MSE D 48 0.77 -17.11 -6.78
C MSE D 48 1.74 -16.09 -7.18
C MSE D 48 1.71 -16.04 -7.36
O MSE D 48 2.66 -16.59 -7.83
O MSE D 48 2.43 -16.32 -8.31
CB MSE D 48 -0.66 -16.27 -7.50
CB MSE D 48 -0.45 -17.35 -7.66
CG MSE D 48 -1.42 -17.18 -8.44
CG MSE D 48 -1.68 -16.61 -7.22
SE MSE D 48 -2.98 -16.25 -9.17
SE MSE D 48 -2.81 -17.54 -5.91
CE MSE D 48 -2.16 -14.79 -10.19
CE MSE D 48 -4.40 -16.66 -6.55
N ALA D 49 1.71 -14.82 -6.79
CA ALA D 49 2.77 -13.87 -7.15
C ALA D 49 4.12 -14.37 -6.60
N VAL D 50 4.11 -14.95 -5.41
CA VAL D 50 5.34 -15.53 -4.88
C VAL D 50 5.79 -16.80 -5.65
N ALA D 51 4.88 -17.72 -5.96
CA ALA D 51 5.21 -18.88 -6.83
C ALA D 51 6.22 -18.45 -7.93
N LYS D 52 6.08 -17.27 -8.50
CA LYS D 52 5.84 -17.05 -9.90
C LYS D 52 7.28 -16.44 -9.97
N LYS D 53 7.57 -15.59 -8.99
N LYS D 53 7.57 -15.59 -8.99
CA LYS D 53 8.92 -15.03 -8.82
CA LYS D 53 8.91 -15.02 -8.80
C LYS D 53 9.92 -16.07 -8.33
C LYS D 53 9.91 -16.08 -8.35
N LEU D 54 9.41 -17.20 -7.84
CA LEU D 54 10.27 -18.35 -7.47
C LEU D 54 10.26 -19.47 -8.53
N GLY D 55 9.50 -19.27 -9.61
CA GLY D 55 9.37 -20.29 -10.66
C GLY D 55 8.71 -21.60 -10.26
N MSE D 56 7.83 -21.56 -9.27
CA MSE D 56 7.11 -22.75 -8.80
C MSE D 56 5.64 -22.73 -9.16
O MSE D 56 5.05 -21.67 -9.36
CB MSE D 56 7.16 -22.84 -7.29
CG MSE D 56 8.50 -22.72 -6.66
SE MSE D 56 8.09 -22.70 -4.77
CE MSE D 56 7.14 -24.44 -4.60
N ALA D 57 5.03 -23.92 -9.14
CA ALA D 57 3.59 -24.05 -9.26
C ALA D 57 2.92 -23.55 -7.97
N PRO D 58 1.99 -22.59 -8.09
CA PRO D 58 1.37 -21.97 -6.91
C PRO D 58 0.63 -22.90 -5.93
N ARG D 59 0.02 -23.99 -6.41
CA ARG D 59 -0.64 -24.96 -5.52
C ARG D 59 0.39 -25.73 -4.68
N GLN D 60 1.52 -26.05 -5.30
CA GLN D 60 2.65 -26.69 -4.62
C GLN D 60 3.14 -25.77 -3.51
N LEU D 61 3.37 -24.50 -3.83
CA LEU D 61 3.78 -23.52 -2.82
C LEU D 61 2.77 -23.31 -1.69
N ALA D 62 1.47 -23.27 -2.01
CA ALA D 62 0.45 -23.01 -0.98
C ALA D 62 0.46 -24.16 0.04
N GLU D 63 0.74 -25.37 -0.46
CA GLU D 63 0.86 -26.55 0.39
C GLU D 63 2.05 -26.48 1.34
N GLN D 64 3.18 -25.98 0.85
N GLN D 64 3.18 -25.98 0.83
CA GLN D 64 4.35 -25.76 1.70
CA GLN D 64 4.35 -25.75 1.67
C GLN D 64 4.04 -24.70 2.75
C GLN D 64 4.04 -24.71 2.74
N VAL D 65 3.41 -23.60 2.33
CA VAL D 65 3.02 -22.54 3.25
C VAL D 65 2.20 -23.07 4.43
N LEU D 66 1.24 -23.94 4.14
CA LEU D 66 0.36 -24.54 5.14
C LEU D 66 1.12 -25.44 6.12
N SER D 67 2.16 -26.12 5.63
CA SER D 67 2.99 -26.95 6.49
C SER D 67 3.72 -26.10 7.54
N HIS D 68 3.91 -24.83 7.21
CA HIS D 68 4.52 -23.86 8.12
C HIS D 68 3.52 -23.06 8.95
N LEU D 69 2.26 -23.07 8.54
CA LEU D 69 1.24 -22.21 9.14
C LEU D 69 0.56 -22.94 10.29
N ASP D 70 0.63 -22.38 11.49
CA ASP D 70 -0.02 -22.99 12.65
C ASP D 70 -1.12 -22.08 13.21
N LEU D 71 -2.37 -22.28 12.82
CA LEU D 71 -3.42 -21.38 13.31
C LEU D 71 -4.35 -22.00 14.37
N ASN D 72 -3.95 -23.15 14.91
CA ASN D 72 -4.65 -23.78 16.04
C ASN D 72 -5.06 -22.76 17.08
N GLY D 73 -6.34 -22.76 17.43
CA GLY D 73 -6.84 -21.88 18.47
C GLY D 73 -7.26 -20.53 17.91
N ILE D 74 -6.91 -20.28 16.65
CA ILE D 74 -7.29 -19.05 15.93
C ILE D 74 -8.28 -19.38 14.78
N ALA D 75 -7.92 -20.33 13.91
CA ALA D 75 -8.77 -20.77 12.80
C ALA D 75 -9.23 -22.20 13.07
N ASN D 76 -10.51 -22.49 12.82
N ASN D 76 -10.51 -22.46 12.81
CA ASN D 76 -10.94 -23.88 12.90
CA ASN D 76 -11.04 -23.83 12.86
C ASN D 76 -10.65 -24.67 11.63
C ASN D 76 -10.56 -24.63 11.65
N LYS D 77 -10.42 -23.95 10.52
CA LYS D 77 -10.06 -24.56 9.24
C LYS D 77 -9.27 -23.59 8.36
N VAL D 78 -8.33 -24.14 7.58
CA VAL D 78 -7.56 -23.43 6.55
C VAL D 78 -7.50 -24.36 5.33
N GLU D 79 -8.01 -23.90 4.18
CA GLU D 79 -8.03 -24.70 2.95
C GLU D 79 -7.35 -23.98 1.78
N ILE D 80 -6.78 -24.77 0.86
CA ILE D 80 -6.29 -24.26 -0.42
C ILE D 80 -7.40 -24.37 -1.48
N ALA D 81 -7.59 -23.30 -2.26
CA ALA D 81 -8.54 -23.29 -3.38
C ALA D 81 -7.91 -22.69 -4.62
N GLY D 82 -8.30 -23.17 -5.79
CA GLY D 82 -7.88 -22.56 -7.04
C GLY D 82 -6.38 -22.64 -7.23
N PRO D 83 -5.77 -21.58 -7.79
CA PRO D 83 -4.32 -21.56 -7.99
C PRO D 83 -3.53 -21.10 -6.77
N GLY D 84 -3.92 -21.53 -5.58
CA GLY D 84 -3.11 -21.28 -4.38
C GLY D 84 -3.69 -20.30 -3.40
N PHE D 85 -4.97 -19.97 -3.55
CA PHE D 85 -5.66 -19.15 -2.54
C PHE D 85 -5.68 -19.83 -1.19
N ILE D 86 -5.46 -19.07 -0.13
CA ILE D 86 -5.61 -19.68 1.20
C ILE D 86 -6.86 -19.17 1.91
N ASN D 87 -7.82 -20.06 2.16
CA ASN D 87 -9.07 -19.63 2.78
C ASN D 87 -9.05 -19.89 4.28
N ILE D 88 -9.32 -18.88 5.09
CA ILE D 88 -9.16 -19.02 6.53
C ILE D 88 -10.49 -18.92 7.25
N PHE D 89 -10.90 -20.02 7.89
CA PHE D 89 -12.17 -20.08 8.59
C PHE D 89 -11.93 -19.88 10.07
N LEU D 90 -12.33 -18.72 10.59
CA LEU D 90 -11.99 -18.40 11.98
C LEU D 90 -12.79 -19.18 13.04
N ASP D 91 -12.13 -19.45 14.16
CA ASP D 91 -12.74 -20.15 15.26
C ASP D 91 -13.68 -19.17 15.95
N PRO D 92 -15.00 -19.50 16.02
CA PRO D 92 -15.95 -18.54 16.63
C PRO D 92 -15.68 -18.24 18.10
N ALA D 93 -15.09 -19.20 18.81
CA ALA D 93 -14.80 -18.98 20.23
C ALA D 93 -13.60 -18.05 20.36
N PHE D 94 -12.63 -18.20 19.47
CA PHE D 94 -11.54 -17.25 19.40
C PHE D 94 -12.06 -15.83 19.09
N LEU D 95 -13.03 -15.73 18.17
CA LEU D 95 -13.62 -14.45 17.76
C LEU D 95 -14.41 -13.79 18.89
N ALA D 96 -15.26 -14.57 19.56
CA ALA D 96 -16.09 -14.03 20.63
C ALA D 96 -15.23 -13.55 21.79
N ASP D 97 -14.13 -14.24 22.01
CA ASP D 97 -13.20 -13.92 23.07
C ASP D 97 -12.38 -12.67 22.76
N ASN D 98 -11.96 -12.54 21.51
CA ASN D 98 -11.29 -11.32 21.06
C ASN D 98 -12.18 -10.10 21.24
N VAL D 99 -13.43 -10.24 20.85
CA VAL D 99 -14.41 -9.17 21.07
C VAL D 99 -14.53 -8.89 22.58
N ASN D 100 -14.68 -9.93 23.40
CA ASN D 100 -14.77 -9.74 24.86
C ASN D 100 -13.57 -9.00 25.42
N ARG D 101 -12.38 -9.32 24.93
CA ARG D 101 -11.16 -8.62 25.37
C ARG D 101 -11.15 -7.15 24.98
N ALA D 102 -11.66 -6.83 23.79
CA ALA D 102 -11.72 -5.44 23.31
C ALA D 102 -12.76 -4.61 24.07
N LEU D 103 -13.81 -5.26 24.55
CA LEU D 103 -14.90 -4.54 25.22
C LEU D 103 -14.78 -4.55 26.73
N GLN D 104 -13.75 -5.20 27.28
CA GLN D 104 -13.56 -5.18 28.73
C GLN D 104 -13.19 -3.77 29.06
N SER D 105 -14.21 -2.95 29.38
CA SER D 105 -14.14 -1.48 29.39
C SER D 105 -15.48 -0.89 29.82
C1 EDO E . -14.86 14.16 5.11
O1 EDO E . -14.65 12.95 4.37
C2 EDO E . -16.30 14.21 5.58
O2 EDO E . -16.35 14.33 7.01
C1 EDO F . -13.83 20.39 30.49
O1 EDO F . -15.15 20.62 31.02
C2 EDO F . -13.37 21.53 29.60
O2 EDO F . -13.94 22.79 30.01
C1 EDO G . -9.25 -6.66 13.73
O1 EDO G . -9.58 -7.84 14.44
C2 EDO G . -9.46 -5.47 14.66
O2 EDO G . -8.26 -5.16 15.37
C1 EDO H . -20.77 1.71 24.83
O1 EDO H . -19.77 2.70 25.04
C2 EDO H . -21.85 2.31 23.94
O2 EDO H . -22.89 1.36 23.78
C1 EDO I . 13.26 -16.79 -10.73
O1 EDO I . 14.31 -17.04 -11.66
C2 EDO I . 12.23 -15.90 -11.42
O2 EDO I . 11.43 -16.79 -12.19
C1 EDO J . 7.72 -10.69 -24.44
O1 EDO J . 8.02 -9.34 -24.82
C2 EDO J . 6.86 -10.71 -23.16
O2 EDO J . 6.53 -9.36 -22.73
C1 EDO K . 2.97 -1.48 -7.31
O1 EDO K . 3.28 -1.46 -8.72
C2 EDO K . 1.60 -0.85 -7.01
O2 EDO K . 0.74 -0.84 -8.17
C1 EDO L . -12.54 -3.82 -24.54
O1 EDO L . -11.40 -3.69 -25.37
C2 EDO L . -13.40 -4.90 -25.17
O2 EDO L . -14.53 -4.27 -25.74
C1 EDO M . -1.78 -8.41 15.49
O1 EDO M . -0.49 -8.93 15.13
C2 EDO M . -1.57 -7.41 16.61
O2 EDO M . -2.83 -6.82 16.93
#